data_6WPQ
# 
_entry.id   6WPQ 
# 
_audit_conform.dict_name       mmcif_pdbx.dic 
_audit_conform.dict_version    5.387 
_audit_conform.dict_location   http://mmcif.pdb.org/dictionaries/ascii/mmcif_pdbx.dic 
# 
loop_
_database_2.database_id 
_database_2.database_code 
_database_2.pdbx_database_accession 
_database_2.pdbx_DOI 
PDB   6WPQ         pdb_00006wpq 10.2210/pdb6wpq/pdb 
WWPDB D_1000248739 ?            ?                   
# 
loop_
_pdbx_audit_revision_history.ordinal 
_pdbx_audit_revision_history.data_content_type 
_pdbx_audit_revision_history.major_revision 
_pdbx_audit_revision_history.minor_revision 
_pdbx_audit_revision_history.revision_date 
1 'Structure model' 1 0 2020-08-19 
2 'Structure model' 1 1 2020-08-26 
3 'Structure model' 1 2 2024-03-06 
# 
_pdbx_audit_revision_details.ordinal             1 
_pdbx_audit_revision_details.revision_ordinal    1 
_pdbx_audit_revision_details.data_content_type   'Structure model' 
_pdbx_audit_revision_details.provider            repository 
_pdbx_audit_revision_details.type                'Initial release' 
_pdbx_audit_revision_details.description         ? 
_pdbx_audit_revision_details.details             ? 
# 
loop_
_pdbx_audit_revision_group.ordinal 
_pdbx_audit_revision_group.revision_ordinal 
_pdbx_audit_revision_group.data_content_type 
_pdbx_audit_revision_group.group 
1 2 'Structure model' 'Database references' 
2 3 'Structure model' 'Data collection'     
3 3 'Structure model' 'Database references' 
# 
loop_
_pdbx_audit_revision_category.ordinal 
_pdbx_audit_revision_category.revision_ordinal 
_pdbx_audit_revision_category.data_content_type 
_pdbx_audit_revision_category.category 
1 2 'Structure model' citation        
2 2 'Structure model' citation_author 
3 3 'Structure model' chem_comp_atom  
4 3 'Structure model' chem_comp_bond  
5 3 'Structure model' database_2      
# 
loop_
_pdbx_audit_revision_item.ordinal 
_pdbx_audit_revision_item.revision_ordinal 
_pdbx_audit_revision_item.data_content_type 
_pdbx_audit_revision_item.item 
1 2 'Structure model' '_citation.journal_volume'            
2 2 'Structure model' '_citation.page_first'                
3 2 'Structure model' '_citation.page_last'                 
4 2 'Structure model' '_citation.pdbx_database_id_PubMed'   
5 2 'Structure model' '_citation.title'                     
6 2 'Structure model' '_citation_author.identifier_ORCID'   
7 3 'Structure model' '_database_2.pdbx_DOI'                
8 3 'Structure model' '_database_2.pdbx_database_accession' 
# 
_pdbx_database_status.status_code                     REL 
_pdbx_database_status.status_code_sf                  REL 
_pdbx_database_status.status_code_mr                  ? 
_pdbx_database_status.entry_id                        6WPQ 
_pdbx_database_status.recvd_initial_deposition_date   2020-04-27 
_pdbx_database_status.SG_entry                        N 
_pdbx_database_status.deposit_site                    RCSB 
_pdbx_database_status.process_site                    RCSB 
_pdbx_database_status.status_code_cs                  ? 
_pdbx_database_status.status_code_nmr_data            ? 
_pdbx_database_status.methods_development_category    ? 
_pdbx_database_status.pdb_format_compatible           Y 
# 
loop_
_audit_author.name 
_audit_author.pdbx_ordinal 
_audit_author.identifier_ORCID 
'Lu, J.'          1 0000-0002-4941-3098 
'Cao, Q.'         2 0000-0003-4207-2697 
'Hughes, M.P.'    3 0000-0002-6239-4151 
'Sawaya, M.R.'    4 0000-0003-0874-9043 
'Boyer, D.R.'     5 0000-0002-4487-0230 
'Cascio, D.'      6 0000-0002-3877-6803 
'Eisenberg, D.S.' 7 0000-0003-2432-5419 
# 
_citation.abstract                  ? 
_citation.abstract_id_CAS           ? 
_citation.book_id_ISBN              ? 
_citation.book_publisher            ? 
_citation.book_publisher_city       ? 
_citation.book_title                ? 
_citation.coordinate_linkage        ? 
_citation.country                   UK 
_citation.database_id_Medline       ? 
_citation.details                   ? 
_citation.id                        primary 
_citation.journal_abbrev            'Nat Commun' 
_citation.journal_id_ASTM           ? 
_citation.journal_id_CSD            ? 
_citation.journal_id_ISSN           2041-1723 
_citation.journal_full              ? 
_citation.journal_issue             ? 
_citation.journal_volume            11 
_citation.language                  ? 
_citation.page_first                4090 
_citation.page_last                 4090 
_citation.title                     
'CryoEM structure of the low-complexity domain of hnRNPA2 and its conversion to pathogenic amyloid.' 
_citation.year                      2020 
_citation.database_id_CSD           ? 
_citation.pdbx_database_id_DOI      10.1038/s41467-020-17905-y 
_citation.pdbx_database_id_PubMed   32796831 
_citation.unpublished_flag          ? 
# 
loop_
_citation_author.citation_id 
_citation_author.name 
_citation_author.ordinal 
_citation_author.identifier_ORCID 
primary 'Lu, J.'          1 ?                   
primary 'Cao, Q.'         2 0000-0003-4207-2697 
primary 'Hughes, M.P.'    3 ?                   
primary 'Sawaya, M.R.'    4 0000-0003-0874-9043 
primary 'Boyer, D.R.'     5 0000-0002-4487-0230 
primary 'Cascio, D.'      6 0000-0001-8285-754X 
primary 'Eisenberg, D.S.' 7 0000-0003-2432-5419 
# 
loop_
_entity.id 
_entity.type 
_entity.src_method 
_entity.pdbx_description 
_entity.formula_weight 
_entity.pdbx_number_of_molecules 
_entity.pdbx_ec 
_entity.pdbx_mutation 
_entity.pdbx_fragment 
_entity.details 
1 polymer syn 'Heterogeneous nuclear ribonucleoprotein A2' 712.751 1 ? D290V ? ? 
2 water   nat water                                        18.015  3 ? ?     ? ? 
# 
_entity_name_com.entity_id   1 
_entity_name_com.name        'hnRNP A2' 
# 
_entity_poly.entity_id                      1 
_entity_poly.type                           'polypeptide(L)' 
_entity_poly.nstd_linkage                   no 
_entity_poly.nstd_monomer                   no 
_entity_poly.pdbx_seq_one_letter_code       GNYNVF 
_entity_poly.pdbx_seq_one_letter_code_can   GNYNVF 
_entity_poly.pdbx_strand_id                 A 
_entity_poly.pdbx_target_identifier         ? 
# 
_pdbx_entity_nonpoly.entity_id   2 
_pdbx_entity_nonpoly.name        water 
_pdbx_entity_nonpoly.comp_id     HOH 
# 
loop_
_entity_poly_seq.entity_id 
_entity_poly_seq.num 
_entity_poly_seq.mon_id 
_entity_poly_seq.hetero 
1 1 GLY n 
1 2 ASN n 
1 3 TYR n 
1 4 ASN n 
1 5 VAL n 
1 6 PHE n 
# 
_pdbx_entity_src_syn.entity_id              1 
_pdbx_entity_src_syn.pdbx_src_id            1 
_pdbx_entity_src_syn.pdbx_alt_source_flag   sample 
_pdbx_entity_src_syn.pdbx_beg_seq_num       1 
_pdbx_entity_src_syn.pdbx_end_seq_num       6 
_pdbx_entity_src_syn.organism_scientific    'Homo sapiens' 
_pdbx_entity_src_syn.organism_common_name   Human 
_pdbx_entity_src_syn.ncbi_taxonomy_id       9606 
_pdbx_entity_src_syn.details                ? 
# 
loop_
_chem_comp.id 
_chem_comp.type 
_chem_comp.mon_nstd_flag 
_chem_comp.name 
_chem_comp.pdbx_synonyms 
_chem_comp.formula 
_chem_comp.formula_weight 
ASN 'L-peptide linking' y ASPARAGINE      ? 'C4 H8 N2 O3' 132.118 
ASP 'L-peptide linking' y 'ASPARTIC ACID' ? 'C4 H7 N O4'  133.103 
GLY 'peptide linking'   y GLYCINE         ? 'C2 H5 N O2'  75.067  
HOH non-polymer         . WATER           ? 'H2 O'        18.015  
PHE 'L-peptide linking' y PHENYLALANINE   ? 'C9 H11 N O2' 165.189 
TYR 'L-peptide linking' y TYROSINE        ? 'C9 H11 N O3' 181.189 
VAL 'L-peptide linking' y VALINE          ? 'C5 H11 N O2' 117.146 
# 
loop_
_pdbx_poly_seq_scheme.asym_id 
_pdbx_poly_seq_scheme.entity_id 
_pdbx_poly_seq_scheme.seq_id 
_pdbx_poly_seq_scheme.mon_id 
_pdbx_poly_seq_scheme.ndb_seq_num 
_pdbx_poly_seq_scheme.pdb_seq_num 
_pdbx_poly_seq_scheme.auth_seq_num 
_pdbx_poly_seq_scheme.pdb_mon_id 
_pdbx_poly_seq_scheme.auth_mon_id 
_pdbx_poly_seq_scheme.pdb_strand_id 
_pdbx_poly_seq_scheme.pdb_ins_code 
_pdbx_poly_seq_scheme.hetero 
A 1 1 GLY 1 286 286 GLY GLY A . n 
A 1 2 ASN 2 287 287 ASN ASN A . n 
A 1 3 TYR 3 288 288 TYR TYR A . n 
A 1 4 ASN 4 289 289 ASN ASN A . n 
A 1 5 VAL 5 290 290 VAL VAL A . n 
A 1 6 PHE 6 291 291 PHE PHE A . n 
# 
loop_
_pdbx_nonpoly_scheme.asym_id 
_pdbx_nonpoly_scheme.entity_id 
_pdbx_nonpoly_scheme.mon_id 
_pdbx_nonpoly_scheme.ndb_seq_num 
_pdbx_nonpoly_scheme.pdb_seq_num 
_pdbx_nonpoly_scheme.auth_seq_num 
_pdbx_nonpoly_scheme.pdb_mon_id 
_pdbx_nonpoly_scheme.auth_mon_id 
_pdbx_nonpoly_scheme.pdb_strand_id 
_pdbx_nonpoly_scheme.pdb_ins_code 
B 2 HOH 1 301 1 HOH HOH A . 
B 2 HOH 2 302 3 HOH HOH A . 
B 2 HOH 3 303 2 HOH HOH A . 
# 
loop_
_software.citation_id 
_software.classification 
_software.compiler_name 
_software.compiler_version 
_software.contact_author 
_software.contact_author_email 
_software.date 
_software.description 
_software.dependencies 
_software.hardware 
_software.language 
_software.location 
_software.mods 
_software.name 
_software.os 
_software.os_version 
_software.type 
_software.version 
_software.pdbx_ordinal 
? 'data reduction'  ? ? ? ? ? ? ? ? ? ? ? XDS         ? ? ? .                                      1 
? 'data scaling'    ? ? ? ? ? ? ? ? ? ? ? XSCALE      ? ? ? 'VERSION Jan 26, 2018  BUILT=20180808' 2 
? refinement        ? ? ? ? ? ? ? ? ? ? ? REFMAC      ? ? ? 5.8.0230                               3 
? 'data extraction' ? ? ? ? ? ? ? ? ? ? ? PDB_EXTRACT ? ? ? 3.25                                   4 
? phasing           ? ? ? ? ? ? ? ? ? ? ? SHELXD      ? ? ? .                                      5 
# 
_cell.angle_alpha                  90.000 
_cell.angle_alpha_esd              ? 
_cell.angle_beta                   95.710 
_cell.angle_beta_esd               ? 
_cell.angle_gamma                  90.000 
_cell.angle_gamma_esd              ? 
_cell.entry_id                     6WPQ 
_cell.details                      ? 
_cell.formula_units_Z              ? 
_cell.length_a                     4.780 
_cell.length_a_esd                 ? 
_cell.length_b                     19.000 
_cell.length_b_esd                 ? 
_cell.length_c                     20.740 
_cell.length_c_esd                 ? 
_cell.volume                       ? 
_cell.volume_esd                   ? 
_cell.Z_PDB                        2 
_cell.reciprocal_angle_alpha       ? 
_cell.reciprocal_angle_beta        ? 
_cell.reciprocal_angle_gamma       ? 
_cell.reciprocal_angle_alpha_esd   ? 
_cell.reciprocal_angle_beta_esd    ? 
_cell.reciprocal_angle_gamma_esd   ? 
_cell.reciprocal_length_a          ? 
_cell.reciprocal_length_b          ? 
_cell.reciprocal_length_c          ? 
_cell.reciprocal_length_a_esd      ? 
_cell.reciprocal_length_b_esd      ? 
_cell.reciprocal_length_c_esd      ? 
_cell.pdbx_unique_axis             ? 
# 
_symmetry.entry_id                         6WPQ 
_symmetry.cell_setting                     ? 
_symmetry.Int_Tables_number                4 
_symmetry.space_group_name_Hall            ? 
_symmetry.space_group_name_H-M             'P 1 21 1' 
_symmetry.pdbx_full_space_group_name_H-M   ? 
# 
_exptl.absorpt_coefficient_mu     ? 
_exptl.absorpt_correction_T_max   ? 
_exptl.absorpt_correction_T_min   ? 
_exptl.absorpt_correction_type    ? 
_exptl.absorpt_process_details    ? 
_exptl.entry_id                   6WPQ 
_exptl.crystals_number            1 
_exptl.details                    ? 
_exptl.method                     'X-RAY DIFFRACTION' 
_exptl.method_details             ? 
# 
_exptl_crystal.colour                      ? 
_exptl_crystal.density_diffrn              ? 
_exptl_crystal.density_Matthews            ? 
_exptl_crystal.density_method              ? 
_exptl_crystal.density_percent_sol         ? 
_exptl_crystal.description                 ? 
_exptl_crystal.F_000                       ? 
_exptl_crystal.id                          1 
_exptl_crystal.preparation                 ? 
_exptl_crystal.size_max                    ? 
_exptl_crystal.size_mid                    ? 
_exptl_crystal.size_min                    ? 
_exptl_crystal.size_rad                    ? 
_exptl_crystal.colour_lustre               ? 
_exptl_crystal.colour_modifier             ? 
_exptl_crystal.colour_primary              ? 
_exptl_crystal.density_meas                ? 
_exptl_crystal.density_meas_esd            ? 
_exptl_crystal.density_meas_gt             ? 
_exptl_crystal.density_meas_lt             ? 
_exptl_crystal.density_meas_temp           ? 
_exptl_crystal.density_meas_temp_esd       ? 
_exptl_crystal.density_meas_temp_gt        ? 
_exptl_crystal.density_meas_temp_lt        ? 
_exptl_crystal.pdbx_crystal_image_url      ? 
_exptl_crystal.pdbx_crystal_image_format   ? 
_exptl_crystal.pdbx_mosaicity              ? 
_exptl_crystal.pdbx_mosaicity_esd          ? 
# 
_exptl_crystal_grow.apparatus       ? 
_exptl_crystal_grow.atmosphere      ? 
_exptl_crystal_grow.crystal_id      1 
_exptl_crystal_grow.details         ? 
_exptl_crystal_grow.method          'VAPOR DIFFUSION, HANGING DROP' 
_exptl_crystal_grow.method_ref      ? 
_exptl_crystal_grow.pH              5.5 
_exptl_crystal_grow.pressure        ? 
_exptl_crystal_grow.pressure_esd    ? 
_exptl_crystal_grow.seeding         ? 
_exptl_crystal_grow.seeding_ref     ? 
_exptl_crystal_grow.temp            298 
_exptl_crystal_grow.temp_details    ? 
_exptl_crystal_grow.temp_esd        ? 
_exptl_crystal_grow.time            ? 
_exptl_crystal_grow.pdbx_details    'salt: 0.15M Ammonium Acetate, precipitant: 35% MPD, buffer: 0.1M Bis-Tris' 
_exptl_crystal_grow.pdbx_pH_range   ? 
# 
_diffrn.ambient_environment              ? 
_diffrn.ambient_temp                     100 
_diffrn.ambient_temp_details             ? 
_diffrn.ambient_temp_esd                 ? 
_diffrn.crystal_id                       1 
_diffrn.crystal_support                  ? 
_diffrn.crystal_treatment                ? 
_diffrn.details                          ? 
_diffrn.id                               1 
_diffrn.ambient_pressure                 ? 
_diffrn.ambient_pressure_esd             ? 
_diffrn.ambient_pressure_gt              ? 
_diffrn.ambient_pressure_lt              ? 
_diffrn.ambient_temp_gt                  ? 
_diffrn.ambient_temp_lt                  ? 
_diffrn.pdbx_serial_crystal_experiment   N 
# 
_diffrn_detector.details                      ? 
_diffrn_detector.detector                     PIXEL 
_diffrn_detector.diffrn_id                    1 
_diffrn_detector.type                         'DECTRIS EIGER X 16M' 
_diffrn_detector.area_resol_mean              ? 
_diffrn_detector.dtime                        ? 
_diffrn_detector.pdbx_frames_total            ? 
_diffrn_detector.pdbx_collection_time_total   ? 
_diffrn_detector.pdbx_collection_date         2018-11-06 
_diffrn_detector.pdbx_frequency               ? 
# 
_diffrn_radiation.collimation                      ? 
_diffrn_radiation.diffrn_id                        1 
_diffrn_radiation.filter_edge                      ? 
_diffrn_radiation.inhomogeneity                    ? 
_diffrn_radiation.monochromator                    ? 
_diffrn_radiation.polarisn_norm                    ? 
_diffrn_radiation.polarisn_ratio                   ? 
_diffrn_radiation.probe                            ? 
_diffrn_radiation.type                             ? 
_diffrn_radiation.xray_symbol                      ? 
_diffrn_radiation.wavelength_id                    1 
_diffrn_radiation.pdbx_monochromatic_or_laue_m_l   M 
_diffrn_radiation.pdbx_wavelength_list             ? 
_diffrn_radiation.pdbx_wavelength                  ? 
_diffrn_radiation.pdbx_diffrn_protocol             'SINGLE WAVELENGTH' 
_diffrn_radiation.pdbx_analyzer                    ? 
_diffrn_radiation.pdbx_scattering_type             x-ray 
# 
_diffrn_radiation_wavelength.id           1 
_diffrn_radiation_wavelength.wavelength   0.9792 
_diffrn_radiation_wavelength.wt           1.0 
# 
_diffrn_source.current                     ? 
_diffrn_source.details                     ? 
_diffrn_source.diffrn_id                   1 
_diffrn_source.power                       ? 
_diffrn_source.size                        ? 
_diffrn_source.source                      SYNCHROTRON 
_diffrn_source.target                      ? 
_diffrn_source.type                        'APS BEAMLINE 24-ID-E' 
_diffrn_source.voltage                     ? 
_diffrn_source.take-off_angle              ? 
_diffrn_source.pdbx_wavelength_list        0.9792 
_diffrn_source.pdbx_wavelength             ? 
_diffrn_source.pdbx_synchrotron_beamline   24-ID-E 
_diffrn_source.pdbx_synchrotron_site       APS 
# 
_reflns.B_iso_Wilson_estimate            9.262 
_reflns.entry_id                         6WPQ 
_reflns.data_reduction_details           ? 
_reflns.data_reduction_method            ? 
_reflns.d_resolution_high                1.100 
_reflns.d_resolution_low                 20.640 
_reflns.details                          ? 
_reflns.limit_h_max                      ? 
_reflns.limit_h_min                      ? 
_reflns.limit_k_max                      ? 
_reflns.limit_k_min                      ? 
_reflns.limit_l_max                      ? 
_reflns.limit_l_min                      ? 
_reflns.number_all                       ? 
_reflns.number_obs                       1329 
_reflns.observed_criterion               ? 
_reflns.observed_criterion_F_max         ? 
_reflns.observed_criterion_F_min         ? 
_reflns.observed_criterion_I_max         ? 
_reflns.observed_criterion_I_min         ? 
_reflns.observed_criterion_sigma_F       ? 
_reflns.observed_criterion_sigma_I       ? 
_reflns.percent_possible_obs             86.500 
_reflns.R_free_details                   ? 
_reflns.Rmerge_F_all                     ? 
_reflns.Rmerge_F_obs                     ? 
_reflns.Friedel_coverage                 ? 
_reflns.number_gt                        ? 
_reflns.threshold_expression             ? 
_reflns.pdbx_redundancy                  5.583 
_reflns.pdbx_Rmerge_I_obs                0.106 
_reflns.pdbx_Rmerge_I_all                ? 
_reflns.pdbx_Rsym_value                  ? 
_reflns.pdbx_netI_over_av_sigmaI         ? 
_reflns.pdbx_netI_over_sigmaI            10.450 
_reflns.pdbx_res_netI_over_av_sigmaI_2   ? 
_reflns.pdbx_res_netI_over_sigmaI_2      ? 
_reflns.pdbx_chi_squared                 0.918 
_reflns.pdbx_scaling_rejects             9 
_reflns.pdbx_d_res_high_opt              ? 
_reflns.pdbx_d_res_low_opt               ? 
_reflns.pdbx_d_res_opt_method            ? 
_reflns.phase_calculation_details        ? 
_reflns.pdbx_Rrim_I_all                  0.116 
_reflns.pdbx_Rpim_I_all                  ? 
_reflns.pdbx_d_opt                       ? 
_reflns.pdbx_number_measured_all         7420 
_reflns.pdbx_diffrn_id                   1 
_reflns.pdbx_ordinal                     1 
_reflns.pdbx_CC_half                     0.992 
_reflns.pdbx_CC_star                     ? 
_reflns.pdbx_R_split                     ? 
# 
loop_
_reflns_shell.d_res_high 
_reflns_shell.d_res_low 
_reflns_shell.meanI_over_sigI_all 
_reflns_shell.meanI_over_sigI_obs 
_reflns_shell.number_measured_all 
_reflns_shell.number_measured_obs 
_reflns_shell.number_possible 
_reflns_shell.number_unique_all 
_reflns_shell.number_unique_obs 
_reflns_shell.percent_possible_all 
_reflns_shell.percent_possible_obs 
_reflns_shell.Rmerge_F_all 
_reflns_shell.Rmerge_F_obs 
_reflns_shell.Rmerge_I_all 
_reflns_shell.Rmerge_I_obs 
_reflns_shell.meanI_over_sigI_gt 
_reflns_shell.meanI_over_uI_all 
_reflns_shell.meanI_over_uI_gt 
_reflns_shell.number_measured_gt 
_reflns_shell.number_unique_gt 
_reflns_shell.percent_possible_gt 
_reflns_shell.Rmerge_F_gt 
_reflns_shell.Rmerge_I_gt 
_reflns_shell.pdbx_redundancy 
_reflns_shell.pdbx_Rsym_value 
_reflns_shell.pdbx_chi_squared 
_reflns_shell.pdbx_netI_over_sigmaI_all 
_reflns_shell.pdbx_netI_over_sigmaI_obs 
_reflns_shell.pdbx_Rrim_I_all 
_reflns_shell.pdbx_Rpim_I_all 
_reflns_shell.pdbx_rejects 
_reflns_shell.pdbx_ordinal 
_reflns_shell.pdbx_diffrn_id 
_reflns_shell.pdbx_CC_half 
_reflns_shell.pdbx_CC_star 
_reflns_shell.pdbx_R_split 
1.100 1.150  ? 5.670  ? 260 180 ? 75  41.700  ? ? ? ? 0.185 ? ? ? ? ? ? ? ? 3.467 ? ? ? ? 0.218 ? ? 1  1 0.953 ? ? 
1.150 1.200  ? 6.350  ? 449 181 ? 112 61.900  ? ? ? ? 0.164 ? ? ? ? ? ? ? ? 4.009 ? ? ? ? 0.188 ? ? 2  1 0.977 ? ? 
1.200 1.260  ? 8.240  ? 737 144 ? 136 94.400  ? ? ? ? 0.165 ? ? ? ? ? ? ? ? 5.419 ? ? ? ? 0.182 ? ? 3  1 0.981 ? ? 
1.260 1.330  ? 8.900  ? 750 142 ? 138 97.200  ? ? ? ? 0.153 ? ? ? ? ? ? ? ? 5.435 ? ? ? ? 0.170 ? ? 4  1 0.981 ? ? 
1.330 1.410  ? 9.830  ? 798 143 ? 140 97.900  ? ? ? ? 0.156 ? ? ? ? ? ? ? ? 5.700 ? ? ? ? 0.172 ? ? 5  1 0.977 ? ? 
1.410 1.500  ? 9.910  ? 692 134 ? 125 93.300  ? ? ? ? 0.139 ? ? ? ? ? ? ? ? 5.536 ? ? ? ? 0.153 ? ? 6  1 0.981 ? ? 
1.500 1.620  ? 11.140 ? 752 136 ? 133 97.800  ? ? ? ? 0.127 ? ? ? ? ? ? ? ? 5.654 ? ? ? ? 0.140 ? ? 7  1 0.977 ? ? 
1.620 1.780  ? 12.700 ? 647 100 ? 99  99.000  ? ? ? ? 0.116 ? ? ? ? ? ? ? ? 6.535 ? ? ? ? 0.126 ? ? 8  1 0.992 ? ? 
1.780 1.990  ? 13.070 ? 622 101 ? 99  98.000  ? ? ? ? 0.113 ? ? ? ? ? ? ? ? 6.283 ? ? ? ? 0.122 ? ? 9  1 0.994 ? ? 
1.990 2.300  ? 13.310 ? 616 99  ? 98  99.000  ? ? ? ? 0.106 ? ? ? ? ? ? ? ? 6.286 ? ? ? ? 0.115 ? ? 10 1 0.990 ? ? 
2.300 2.810  ? 13.990 ? 497 77  ? 77  100.000 ? ? ? ? 0.080 ? ? ? ? ? ? ? ? 6.455 ? ? ? ? 0.086 ? ? 11 1 0.994 ? ? 
2.810 3.980  ? 14.230 ? 370 61  ? 60  98.400  ? ? ? ? 0.100 ? ? ? ? ? ? ? ? 6.167 ? ? ? ? 0.110 ? ? 12 1 0.976 ? ? 
3.980 20.640 ? 14.180 ? 230 38  ? 37  97.400  ? ? ? ? 0.087 ? ? ? ? ? ? ? ? 6.216 ? ? ? ? 0.095 ? ? 13 1 0.995 ? ? 
# 
_refine.aniso_B[1][1]                            -0.2000 
_refine.aniso_B[1][2]                            0.0000 
_refine.aniso_B[1][3]                            -0.0500 
_refine.aniso_B[2][2]                            0.4000 
_refine.aniso_B[2][3]                            0.0000 
_refine.aniso_B[3][3]                            -0.1900 
_refine.B_iso_max                                9.960 
_refine.B_iso_mean                               4.8220 
_refine.B_iso_min                                3.840 
_refine.correlation_coeff_Fo_to_Fc               0.9920 
_refine.correlation_coeff_Fo_to_Fc_free          0.9900 
_refine.details                                  
'HYDROGENS HAVE BEEN USED IF PRESENT IN THE INPUT U VALUES      : REFINED INDIVIDUALLY' 
_refine.diff_density_max                         ? 
_refine.diff_density_max_esd                     ? 
_refine.diff_density_min                         ? 
_refine.diff_density_min_esd                     ? 
_refine.diff_density_rms                         ? 
_refine.diff_density_rms_esd                     ? 
_refine.entry_id                                 6WPQ 
_refine.pdbx_refine_id                           'X-RAY DIFFRACTION' 
_refine.ls_abs_structure_details                 ? 
_refine.ls_abs_structure_Flack                   ? 
_refine.ls_abs_structure_Flack_esd               ? 
_refine.ls_abs_structure_Rogers                  ? 
_refine.ls_abs_structure_Rogers_esd              ? 
_refine.ls_d_res_high                            1.1000 
_refine.ls_d_res_low                             20.6400 
_refine.ls_extinction_coef                       ? 
_refine.ls_extinction_coef_esd                   ? 
_refine.ls_extinction_expression                 ? 
_refine.ls_extinction_method                     ? 
_refine.ls_goodness_of_fit_all                   ? 
_refine.ls_goodness_of_fit_all_esd               ? 
_refine.ls_goodness_of_fit_obs                   ? 
_refine.ls_goodness_of_fit_obs_esd               ? 
_refine.ls_hydrogen_treatment                    ? 
_refine.ls_matrix_type                           ? 
_refine.ls_number_constraints                    ? 
_refine.ls_number_parameters                     ? 
_refine.ls_number_reflns_all                     ? 
_refine.ls_number_reflns_obs                     1196 
_refine.ls_number_reflns_R_free                  133 
_refine.ls_number_reflns_R_work                  ? 
_refine.ls_number_restraints                     ? 
_refine.ls_percent_reflns_obs                    86.5800 
_refine.ls_percent_reflns_R_free                 10.0000 
_refine.ls_R_factor_all                          ? 
_refine.ls_R_factor_obs                          0.0772 
_refine.ls_R_factor_R_free                       0.1038 
_refine.ls_R_factor_R_free_error                 ? 
_refine.ls_R_factor_R_free_error_details         ? 
_refine.ls_R_factor_R_work                       0.0742 
_refine.ls_R_Fsqd_factor_obs                     ? 
_refine.ls_R_I_factor_obs                        ? 
_refine.ls_redundancy_reflns_all                 ? 
_refine.ls_redundancy_reflns_obs                 ? 
_refine.ls_restrained_S_all                      ? 
_refine.ls_restrained_S_obs                      ? 
_refine.ls_shift_over_esd_max                    ? 
_refine.ls_shift_over_esd_mean                   ? 
_refine.ls_structure_factor_coef                 ? 
_refine.ls_weighting_details                     ? 
_refine.ls_weighting_scheme                      ? 
_refine.ls_wR_factor_all                         ? 
_refine.ls_wR_factor_obs                         ? 
_refine.ls_wR_factor_R_free                      ? 
_refine.ls_wR_factor_R_work                      ? 
_refine.occupancy_max                            ? 
_refine.occupancy_min                            ? 
_refine.solvent_model_details                    ? 
_refine.solvent_model_param_bsol                 ? 
_refine.solvent_model_param_ksol                 ? 
_refine.pdbx_R_complete                          ? 
_refine.ls_R_factor_gt                           ? 
_refine.ls_goodness_of_fit_gt                    ? 
_refine.ls_goodness_of_fit_ref                   ? 
_refine.ls_shift_over_su_max                     ? 
_refine.ls_shift_over_su_max_lt                  ? 
_refine.ls_shift_over_su_mean                    ? 
_refine.ls_shift_over_su_mean_lt                 ? 
_refine.pdbx_ls_sigma_I                          ? 
_refine.pdbx_ls_sigma_F                          0.000 
_refine.pdbx_ls_sigma_Fsqd                       ? 
_refine.pdbx_data_cutoff_high_absF               ? 
_refine.pdbx_data_cutoff_high_rms_absF           ? 
_refine.pdbx_data_cutoff_low_absF                ? 
_refine.pdbx_isotropic_thermal_model             ? 
_refine.pdbx_ls_cross_valid_method               THROUGHOUT 
_refine.pdbx_method_to_determine_struct          'AB INITIO PHASING' 
_refine.pdbx_starting_model                      ? 
_refine.pdbx_stereochemistry_target_values       ? 
_refine.pdbx_R_Free_selection_details            RANDOM 
_refine.pdbx_stereochem_target_val_spec_case     ? 
_refine.pdbx_overall_ESU_R                       0.0250 
_refine.pdbx_overall_ESU_R_Free                  0.0260 
_refine.pdbx_solvent_vdw_probe_radii             1.2000 
_refine.pdbx_solvent_ion_probe_radii             0.8000 
_refine.pdbx_solvent_shrinkage_radii             0.8000 
_refine.pdbx_real_space_R                        ? 
_refine.pdbx_density_correlation                 ? 
_refine.pdbx_pd_number_of_powder_patterns        ? 
_refine.pdbx_pd_number_of_points                 ? 
_refine.pdbx_pd_meas_number_of_points            ? 
_refine.pdbx_pd_proc_ls_prof_R_factor            ? 
_refine.pdbx_pd_proc_ls_prof_wR_factor           ? 
_refine.pdbx_pd_Marquardt_correlation_coeff      ? 
_refine.pdbx_pd_Fsqrd_R_factor                   ? 
_refine.pdbx_pd_ls_matrix_band_width             ? 
_refine.pdbx_overall_phase_error                 ? 
_refine.pdbx_overall_SU_R_free_Cruickshank_DPI   ? 
_refine.pdbx_overall_SU_R_free_Blow_DPI          ? 
_refine.pdbx_overall_SU_R_Blow_DPI               ? 
_refine.pdbx_TLS_residual_ADP_flag               ? 
_refine.pdbx_diffrn_id                           1 
_refine.overall_SU_B                             0.6760 
_refine.overall_SU_ML                            0.0140 
_refine.overall_SU_R_Cruickshank_DPI             0.0245 
_refine.overall_SU_R_free                        ? 
_refine.overall_FOM_free_R_set                   ? 
_refine.overall_FOM_work_R_set                   ? 
_refine.pdbx_average_fsc_overall                 ? 
_refine.pdbx_average_fsc_work                    ? 
_refine.pdbx_average_fsc_free                    ? 
# 
_refine_hist.pdbx_refine_id                   'X-RAY DIFFRACTION' 
_refine_hist.cycle_id                         final 
_refine_hist.details                          ? 
_refine_hist.d_res_high                       1.1000 
_refine_hist.d_res_low                        20.6400 
_refine_hist.number_atoms_solvent             3 
_refine_hist.number_atoms_total               54 
_refine_hist.number_reflns_all                ? 
_refine_hist.number_reflns_obs                ? 
_refine_hist.number_reflns_R_free             ? 
_refine_hist.number_reflns_R_work             ? 
_refine_hist.R_factor_all                     ? 
_refine_hist.R_factor_obs                     ? 
_refine_hist.R_factor_R_free                  ? 
_refine_hist.R_factor_R_work                  ? 
_refine_hist.pdbx_number_residues_total       6 
_refine_hist.pdbx_B_iso_mean_ligand           ? 
_refine_hist.pdbx_B_iso_mean_solvent          7.30 
_refine_hist.pdbx_number_atoms_protein        51 
_refine_hist.pdbx_number_atoms_nucleic_acid   0 
_refine_hist.pdbx_number_atoms_ligand         0 
_refine_hist.pdbx_number_atoms_lipid          ? 
_refine_hist.pdbx_number_atoms_carb           ? 
_refine_hist.pdbx_pseudo_atom_details         ? 
# 
loop_
_refine_ls_restr.pdbx_refine_id 
_refine_ls_restr.criterion 
_refine_ls_restr.dev_ideal 
_refine_ls_restr.dev_ideal_target 
_refine_ls_restr.number 
_refine_ls_restr.rejects 
_refine_ls_restr.type 
_refine_ls_restr.weight 
_refine_ls_restr.pdbx_restraint_function 
'X-RAY DIFFRACTION' ? 0.015  0.011  52 ? r_bond_refined_d       ? ? 
'X-RAY DIFFRACTION' ? 0.001  0.018  44 ? r_bond_other_d         ? ? 
'X-RAY DIFFRACTION' ? 1.822  1.674  70 ? r_angle_refined_deg    ? ? 
'X-RAY DIFFRACTION' ? 0.657  1.650  96 ? r_angle_other_deg      ? ? 
'X-RAY DIFFRACTION' ? 8.886  5.000  5  ? r_dihedral_angle_1_deg ? ? 
'X-RAY DIFFRACTION' ? 45.314 25.000 4  ? r_dihedral_angle_2_deg ? ? 
'X-RAY DIFFRACTION' ? 3.692  15.000 5  ? r_dihedral_angle_3_deg ? ? 
'X-RAY DIFFRACTION' ? 0.161  0.200  5  ? r_chiral_restr         ? ? 
'X-RAY DIFFRACTION' ? 0.010  0.020  66 ? r_gen_planes_refined   ? ? 
'X-RAY DIFFRACTION' ? 0.000  0.020  18 ? r_gen_planes_other     ? ? 
'X-RAY DIFFRACTION' ? 3.667  3.000  96 ? r_rigid_bond_restr     ? ? 
'X-RAY DIFFRACTION' ? 4.459  5.000  2  ? r_sphericity_free      ? ? 
'X-RAY DIFFRACTION' ? 1.535  5.000  96 ? r_sphericity_bonded    ? ? 
# 
_refine_ls_shell.pdbx_refine_id                   'X-RAY DIFFRACTION' 
_refine_ls_shell.d_res_high                       1.1030 
_refine_ls_shell.d_res_low                        1.1320 
_refine_ls_shell.number_reflns_all                42 
_refine_ls_shell.number_reflns_obs                ? 
_refine_ls_shell.number_reflns_R_free             4 
_refine_ls_shell.number_reflns_R_work             38 
_refine_ls_shell.percent_reflns_obs               36.5200 
_refine_ls_shell.percent_reflns_R_free            ? 
_refine_ls_shell.R_factor_all                     ? 
_refine_ls_shell.R_factor_obs                     ? 
_refine_ls_shell.R_factor_R_free                  0.2160 
_refine_ls_shell.R_factor_R_free_error            0.0000 
_refine_ls_shell.R_factor_R_work                  0.1230 
_refine_ls_shell.redundancy_reflns_all            ? 
_refine_ls_shell.redundancy_reflns_obs            ? 
_refine_ls_shell.wR_factor_all                    ? 
_refine_ls_shell.wR_factor_obs                    ? 
_refine_ls_shell.wR_factor_R_free                 ? 
_refine_ls_shell.wR_factor_R_work                 ? 
_refine_ls_shell.pdbx_R_complete                  ? 
_refine_ls_shell.pdbx_total_number_of_bins_used   20 
_refine_ls_shell.pdbx_phase_error                 ? 
_refine_ls_shell.pdbx_fsc_work                    ? 
_refine_ls_shell.pdbx_fsc_free                    ? 
# 
_struct.entry_id                     6WPQ 
_struct.title                        'GNYNVF from hnRNPA2-low complexity domain segment, residues 286-291, D290V variant' 
_struct.pdbx_model_details           ? 
_struct.pdbx_formula_weight          ? 
_struct.pdbx_formula_weight_method   ? 
_struct.pdbx_model_type_details      ? 
_struct.pdbx_CASP_flag               N 
# 
_struct_keywords.entry_id        6WPQ 
_struct_keywords.text            
'amyloidogenic segment, amyloid-like fibril, disease related, multisystem proteinopathy (MSP), PROTEIN FIBRIL' 
_struct_keywords.pdbx_keywords   'PROTEIN FIBRIL' 
# 
loop_
_struct_asym.id 
_struct_asym.pdbx_blank_PDB_chainid_flag 
_struct_asym.pdbx_modified 
_struct_asym.entity_id 
_struct_asym.details 
A N N 1 ? 
B N N 2 ? 
# 
_struct_ref.id                         1 
_struct_ref.db_name                    UNP 
_struct_ref.db_code                    ROA2_HUMAN 
_struct_ref.pdbx_db_accession          P22626 
_struct_ref.pdbx_db_isoform            P22626-2 
_struct_ref.entity_id                  1 
_struct_ref.pdbx_seq_one_letter_code   GNYNDF 
_struct_ref.pdbx_align_begin           286 
# 
_struct_ref_seq.align_id                      1 
_struct_ref_seq.ref_id                        1 
_struct_ref_seq.pdbx_PDB_id_code              6WPQ 
_struct_ref_seq.pdbx_strand_id                A 
_struct_ref_seq.seq_align_beg                 1 
_struct_ref_seq.pdbx_seq_align_beg_ins_code   ? 
_struct_ref_seq.seq_align_end                 6 
_struct_ref_seq.pdbx_seq_align_end_ins_code   ? 
_struct_ref_seq.pdbx_db_accession             P22626 
_struct_ref_seq.db_align_beg                  286 
_struct_ref_seq.pdbx_db_align_beg_ins_code    ? 
_struct_ref_seq.db_align_end                  291 
_struct_ref_seq.pdbx_db_align_end_ins_code    ? 
_struct_ref_seq.pdbx_auth_seq_align_beg       286 
_struct_ref_seq.pdbx_auth_seq_align_end       291 
# 
_struct_ref_seq_dif.align_id                     1 
_struct_ref_seq_dif.pdbx_pdb_id_code             6WPQ 
_struct_ref_seq_dif.mon_id                       VAL 
_struct_ref_seq_dif.pdbx_pdb_strand_id           A 
_struct_ref_seq_dif.seq_num                      5 
_struct_ref_seq_dif.pdbx_pdb_ins_code            ? 
_struct_ref_seq_dif.pdbx_seq_db_name             UNP 
_struct_ref_seq_dif.pdbx_seq_db_accession_code   P22626 
_struct_ref_seq_dif.db_mon_id                    ASP 
_struct_ref_seq_dif.pdbx_seq_db_seq_num          290 
_struct_ref_seq_dif.details                      variant 
_struct_ref_seq_dif.pdbx_auth_seq_num            290 
_struct_ref_seq_dif.pdbx_ordinal                 1 
# 
_pdbx_struct_assembly.id                   1 
_pdbx_struct_assembly.details              author_defined_assembly 
_pdbx_struct_assembly.method_details       ? 
_pdbx_struct_assembly.oligomeric_details   decameric 
_pdbx_struct_assembly.oligomeric_count     10 
# 
loop_
_pdbx_struct_assembly_gen.assembly_id 
_pdbx_struct_assembly_gen.oper_expression 
_pdbx_struct_assembly_gen.asym_id_list 
1 1  A,B 
1 2  A,B 
1 3  A,B 
1 4  A,B 
1 5  A,B 
1 6  A,B 
1 7  A,B 
1 8  A,B 
1 9  A,B 
1 10 A,B 
# 
_pdbx_struct_assembly_auth_evidence.id                     1 
_pdbx_struct_assembly_auth_evidence.assembly_id            1 
_pdbx_struct_assembly_auth_evidence.experimental_support   none 
_pdbx_struct_assembly_auth_evidence.details                ? 
# 
loop_
_pdbx_struct_oper_list.id 
_pdbx_struct_oper_list.type 
_pdbx_struct_oper_list.name 
_pdbx_struct_oper_list.symmetry_operation 
_pdbx_struct_oper_list.matrix[1][1] 
_pdbx_struct_oper_list.matrix[1][2] 
_pdbx_struct_oper_list.matrix[1][3] 
_pdbx_struct_oper_list.vector[1] 
_pdbx_struct_oper_list.matrix[2][1] 
_pdbx_struct_oper_list.matrix[2][2] 
_pdbx_struct_oper_list.matrix[2][3] 
_pdbx_struct_oper_list.vector[2] 
_pdbx_struct_oper_list.matrix[3][1] 
_pdbx_struct_oper_list.matrix[3][2] 
_pdbx_struct_oper_list.matrix[3][3] 
_pdbx_struct_oper_list.vector[3] 
1  'identity operation'         1_555 x,y,z           1.0000000000  0.0000000000 0.0000000000 0.0000000000  0.0000000000 1.0000000000  0.0000000000 0.0000000000  0.0000000000 0.0000000000 1.0000000000 0.0000000000   
2  'crystal symmetry operation' 1_455 x-1,y,z         1.0000000000  0.0000000000 0.0000000000 -1.5138932376 0.0000000000 1.0000000000  0.0000000000 4.5287028922  0.0000000000 0.0000000000 1.0000000000 0.2176634536   
3  'crystal symmetry operation' 1_655 x+1,y,z         1.0000000000  0.0000000000 0.0000000000 1.5138932376  0.0000000000 1.0000000000  0.0000000000 -4.5287028922 0.0000000000 0.0000000000 1.0000000000 -0.2176634536  
4  'crystal symmetry operation' 1_355 x-2,y,z         1.0000000000  0.0000000000 0.0000000000 -3.0277864751 0.0000000000 1.0000000000  0.0000000000 9.0574057845  0.0000000000 0.0000000000 1.0000000000 0.4353269072   
5  'crystal symmetry operation' 1_755 x+2,y,z         1.0000000000  0.0000000000 0.0000000000 3.0277864751  0.0000000000 1.0000000000  0.0000000000 -9.0574057845 0.0000000000 0.0000000000 1.0000000000 -0.4353269072  
6  'crystal symmetry operation' 2_546 -x,y-1/2,-z+1   -0.6865173324 0.0700086936 0.7237352659 -1.0985424440 0.0700086936 -0.9843652690 0.1616285865 12.9454533740 0.7237352659 0.1616285865 0.6708826014 -11.1700081448 
7  'crystal symmetry operation' 2_646 -x+1,y-1/2,-z+1 -0.6865173324 0.0700086936 0.7237352659 0.4153507936  0.0700086936 -0.9843652690 0.1616285865 8.4167504818  0.7237352659 0.1616285865 0.6708826014 -11.3876715984 
8  'crystal symmetry operation' 2_446 -x-1,y-1/2,-z+1 -0.6865173324 0.0700086936 0.7237352659 -2.6124356815 0.0700086936 -0.9843652690 0.1616285865 17.4741562663 0.7237352659 0.1616285865 0.6708826014 -10.9523446912 
9  'crystal symmetry operation' 2_746 -x+2,y-1/2,-z+1 -0.6865173324 0.0700086936 0.7237352659 1.9292440312  0.0700086936 -0.9843652690 0.1616285865 3.8880475895  0.7237352659 0.1616285865 0.6708826014 -11.6053350519 
10 'crystal symmetry operation' 2_846 -x+3,y-1/2,-z+1 -0.6865173324 0.0700086936 0.7237352659 3.4431372687  0.0700086936 -0.9843652690 0.1616285865 -0.6406553027 0.7237352659 0.1616285865 0.6708826014 -11.8229985055 
# 
loop_
_chem_comp_atom.comp_id 
_chem_comp_atom.atom_id 
_chem_comp_atom.type_symbol 
_chem_comp_atom.pdbx_aromatic_flag 
_chem_comp_atom.pdbx_stereo_config 
_chem_comp_atom.pdbx_ordinal 
ASN N    N N N 1   
ASN CA   C N S 2   
ASN C    C N N 3   
ASN O    O N N 4   
ASN CB   C N N 5   
ASN CG   C N N 6   
ASN OD1  O N N 7   
ASN ND2  N N N 8   
ASN OXT  O N N 9   
ASN H    H N N 10  
ASN H2   H N N 11  
ASN HA   H N N 12  
ASN HB2  H N N 13  
ASN HB3  H N N 14  
ASN HD21 H N N 15  
ASN HD22 H N N 16  
ASN HXT  H N N 17  
ASP N    N N N 18  
ASP CA   C N S 19  
ASP C    C N N 20  
ASP O    O N N 21  
ASP CB   C N N 22  
ASP CG   C N N 23  
ASP OD1  O N N 24  
ASP OD2  O N N 25  
ASP OXT  O N N 26  
ASP H    H N N 27  
ASP H2   H N N 28  
ASP HA   H N N 29  
ASP HB2  H N N 30  
ASP HB3  H N N 31  
ASP HD2  H N N 32  
ASP HXT  H N N 33  
GLY N    N N N 34  
GLY CA   C N N 35  
GLY C    C N N 36  
GLY O    O N N 37  
GLY OXT  O N N 38  
GLY H    H N N 39  
GLY H2   H N N 40  
GLY HA2  H N N 41  
GLY HA3  H N N 42  
GLY HXT  H N N 43  
HOH O    O N N 44  
HOH H1   H N N 45  
HOH H2   H N N 46  
PHE N    N N N 47  
PHE CA   C N S 48  
PHE C    C N N 49  
PHE O    O N N 50  
PHE CB   C N N 51  
PHE CG   C Y N 52  
PHE CD1  C Y N 53  
PHE CD2  C Y N 54  
PHE CE1  C Y N 55  
PHE CE2  C Y N 56  
PHE CZ   C Y N 57  
PHE OXT  O N N 58  
PHE H    H N N 59  
PHE H2   H N N 60  
PHE HA   H N N 61  
PHE HB2  H N N 62  
PHE HB3  H N N 63  
PHE HD1  H N N 64  
PHE HD2  H N N 65  
PHE HE1  H N N 66  
PHE HE2  H N N 67  
PHE HZ   H N N 68  
PHE HXT  H N N 69  
TYR N    N N N 70  
TYR CA   C N S 71  
TYR C    C N N 72  
TYR O    O N N 73  
TYR CB   C N N 74  
TYR CG   C Y N 75  
TYR CD1  C Y N 76  
TYR CD2  C Y N 77  
TYR CE1  C Y N 78  
TYR CE2  C Y N 79  
TYR CZ   C Y N 80  
TYR OH   O N N 81  
TYR OXT  O N N 82  
TYR H    H N N 83  
TYR H2   H N N 84  
TYR HA   H N N 85  
TYR HB2  H N N 86  
TYR HB3  H N N 87  
TYR HD1  H N N 88  
TYR HD2  H N N 89  
TYR HE1  H N N 90  
TYR HE2  H N N 91  
TYR HH   H N N 92  
TYR HXT  H N N 93  
VAL N    N N N 94  
VAL CA   C N S 95  
VAL C    C N N 96  
VAL O    O N N 97  
VAL CB   C N N 98  
VAL CG1  C N N 99  
VAL CG2  C N N 100 
VAL OXT  O N N 101 
VAL H    H N N 102 
VAL H2   H N N 103 
VAL HA   H N N 104 
VAL HB   H N N 105 
VAL HG11 H N N 106 
VAL HG12 H N N 107 
VAL HG13 H N N 108 
VAL HG21 H N N 109 
VAL HG22 H N N 110 
VAL HG23 H N N 111 
VAL HXT  H N N 112 
# 
loop_
_chem_comp_bond.comp_id 
_chem_comp_bond.atom_id_1 
_chem_comp_bond.atom_id_2 
_chem_comp_bond.value_order 
_chem_comp_bond.pdbx_aromatic_flag 
_chem_comp_bond.pdbx_stereo_config 
_chem_comp_bond.pdbx_ordinal 
ASN N   CA   sing N N 1   
ASN N   H    sing N N 2   
ASN N   H2   sing N N 3   
ASN CA  C    sing N N 4   
ASN CA  CB   sing N N 5   
ASN CA  HA   sing N N 6   
ASN C   O    doub N N 7   
ASN C   OXT  sing N N 8   
ASN CB  CG   sing N N 9   
ASN CB  HB2  sing N N 10  
ASN CB  HB3  sing N N 11  
ASN CG  OD1  doub N N 12  
ASN CG  ND2  sing N N 13  
ASN ND2 HD21 sing N N 14  
ASN ND2 HD22 sing N N 15  
ASN OXT HXT  sing N N 16  
ASP N   CA   sing N N 17  
ASP N   H    sing N N 18  
ASP N   H2   sing N N 19  
ASP CA  C    sing N N 20  
ASP CA  CB   sing N N 21  
ASP CA  HA   sing N N 22  
ASP C   O    doub N N 23  
ASP C   OXT  sing N N 24  
ASP CB  CG   sing N N 25  
ASP CB  HB2  sing N N 26  
ASP CB  HB3  sing N N 27  
ASP CG  OD1  doub N N 28  
ASP CG  OD2  sing N N 29  
ASP OD2 HD2  sing N N 30  
ASP OXT HXT  sing N N 31  
GLY N   CA   sing N N 32  
GLY N   H    sing N N 33  
GLY N   H2   sing N N 34  
GLY CA  C    sing N N 35  
GLY CA  HA2  sing N N 36  
GLY CA  HA3  sing N N 37  
GLY C   O    doub N N 38  
GLY C   OXT  sing N N 39  
GLY OXT HXT  sing N N 40  
HOH O   H1   sing N N 41  
HOH O   H2   sing N N 42  
PHE N   CA   sing N N 43  
PHE N   H    sing N N 44  
PHE N   H2   sing N N 45  
PHE CA  C    sing N N 46  
PHE CA  CB   sing N N 47  
PHE CA  HA   sing N N 48  
PHE C   O    doub N N 49  
PHE C   OXT  sing N N 50  
PHE CB  CG   sing N N 51  
PHE CB  HB2  sing N N 52  
PHE CB  HB3  sing N N 53  
PHE CG  CD1  doub Y N 54  
PHE CG  CD2  sing Y N 55  
PHE CD1 CE1  sing Y N 56  
PHE CD1 HD1  sing N N 57  
PHE CD2 CE2  doub Y N 58  
PHE CD2 HD2  sing N N 59  
PHE CE1 CZ   doub Y N 60  
PHE CE1 HE1  sing N N 61  
PHE CE2 CZ   sing Y N 62  
PHE CE2 HE2  sing N N 63  
PHE CZ  HZ   sing N N 64  
PHE OXT HXT  sing N N 65  
TYR N   CA   sing N N 66  
TYR N   H    sing N N 67  
TYR N   H2   sing N N 68  
TYR CA  C    sing N N 69  
TYR CA  CB   sing N N 70  
TYR CA  HA   sing N N 71  
TYR C   O    doub N N 72  
TYR C   OXT  sing N N 73  
TYR CB  CG   sing N N 74  
TYR CB  HB2  sing N N 75  
TYR CB  HB3  sing N N 76  
TYR CG  CD1  doub Y N 77  
TYR CG  CD2  sing Y N 78  
TYR CD1 CE1  sing Y N 79  
TYR CD1 HD1  sing N N 80  
TYR CD2 CE2  doub Y N 81  
TYR CD2 HD2  sing N N 82  
TYR CE1 CZ   doub Y N 83  
TYR CE1 HE1  sing N N 84  
TYR CE2 CZ   sing Y N 85  
TYR CE2 HE2  sing N N 86  
TYR CZ  OH   sing N N 87  
TYR OH  HH   sing N N 88  
TYR OXT HXT  sing N N 89  
VAL N   CA   sing N N 90  
VAL N   H    sing N N 91  
VAL N   H2   sing N N 92  
VAL CA  C    sing N N 93  
VAL CA  CB   sing N N 94  
VAL CA  HA   sing N N 95  
VAL C   O    doub N N 96  
VAL C   OXT  sing N N 97  
VAL CB  CG1  sing N N 98  
VAL CB  CG2  sing N N 99  
VAL CB  HB   sing N N 100 
VAL CG1 HG11 sing N N 101 
VAL CG1 HG12 sing N N 102 
VAL CG1 HG13 sing N N 103 
VAL CG2 HG21 sing N N 104 
VAL CG2 HG22 sing N N 105 
VAL CG2 HG23 sing N N 106 
VAL OXT HXT  sing N N 107 
# 
loop_
_pdbx_audit_support.funding_organization 
_pdbx_audit_support.country 
_pdbx_audit_support.grant_number 
_pdbx_audit_support.ordinal 
'National Science Foundation (NSF, United States)'                    'United States' 1616265  1 
'National Institutes of Health/National Institute on Aging (NIH/NIA)' 'United States' AG054022 2 
# 
_atom_sites.entry_id                    6WPQ 
_atom_sites.Cartn_transf_matrix[1][1]   ? 
_atom_sites.Cartn_transf_matrix[1][2]   ? 
_atom_sites.Cartn_transf_matrix[1][3]   ? 
_atom_sites.Cartn_transf_matrix[2][1]   ? 
_atom_sites.Cartn_transf_matrix[2][2]   ? 
_atom_sites.Cartn_transf_matrix[2][3]   ? 
_atom_sites.Cartn_transf_matrix[3][1]   ? 
_atom_sites.Cartn_transf_matrix[3][2]   ? 
_atom_sites.Cartn_transf_matrix[3][3]   ? 
_atom_sites.Cartn_transf_vector[1]      ? 
_atom_sites.Cartn_transf_vector[2]      ? 
_atom_sites.Cartn_transf_vector[3]      ? 
_atom_sites.fract_transf_matrix[1][1]   0.04823401 
_atom_sites.fract_transf_matrix[1][2]   -0.20463694 
_atom_sites.fract_transf_matrix[1][3]   -0.00109731 
_atom_sites.fract_transf_matrix[2][1]   0.02083731 
_atom_sites.fract_transf_matrix[2][2]   0.00465350 
_atom_sites.fract_transf_matrix[2][3]   0.04810695 
_atom_sites.fract_transf_matrix[3][1]   -0.04176645 
_atom_sites.fract_transf_matrix[3][2]   -0.01490083 
_atom_sites.fract_transf_matrix[3][3]   0.01953235 
_atom_sites.fract_transf_vector[1]      1.344849 
_atom_sites.fract_transf_vector[2]      0.779050 
_atom_sites.fract_transf_vector[3]      0.682592 
_atom_sites.solution_primary            ? 
_atom_sites.solution_secondary          ? 
_atom_sites.solution_hydrogens          ? 
_atom_sites.special_details             ? 
# 
loop_
_atom_type.symbol 
C 
H 
N 
O 
# 
loop_
_atom_site.group_PDB 
_atom_site.id 
_atom_site.type_symbol 
_atom_site.label_atom_id 
_atom_site.label_alt_id 
_atom_site.label_comp_id 
_atom_site.label_asym_id 
_atom_site.label_entity_id 
_atom_site.label_seq_id 
_atom_site.pdbx_PDB_ins_code 
_atom_site.Cartn_x 
_atom_site.Cartn_y 
_atom_site.Cartn_z 
_atom_site.occupancy 
_atom_site.B_iso_or_equiv 
_atom_site.pdbx_formal_charge 
_atom_site.auth_seq_id 
_atom_site.auth_comp_id 
_atom_site.auth_asym_id 
_atom_site.auth_atom_id 
_atom_site.pdbx_PDB_model_num 
ATOM   1  N N    . GLY A 1 1 ? -6.357 -3.289 5.601  1.00 5.32 ? 286 GLY A N    1 
ATOM   2  C CA   . GLY A 1 1 ? -6.203 -2.128 4.698  1.00 4.72 ? 286 GLY A CA   1 
ATOM   3  C C    . GLY A 1 1 ? -5.431 -2.543 3.458  1.00 4.36 ? 286 GLY A C    1 
ATOM   4  O O    . GLY A 1 1 ? -4.978 -3.681 3.320  1.00 5.39 ? 286 GLY A O    1 
ATOM   5  H H1   . GLY A 1 1 ? -5.620 -3.274 6.293  1.00 5.26 ? 286 GLY A H1   1 
ATOM   6  H H2   . GLY A 1 1 ? -6.304 -4.105 5.099  1.00 5.18 ? 286 GLY A H2   1 
ATOM   7  H H3   . GLY A 1 1 ? -7.207 -3.237 6.043  1.00 5.21 ? 286 GLY A H3   1 
ATOM   8  H HA2  . GLY A 1 1 ? -7.095 -1.794 4.440  1.00 4.79 ? 286 GLY A HA2  1 
ATOM   9  H HA3  . GLY A 1 1 ? -5.717 -1.408 5.169  1.00 4.70 ? 286 GLY A HA3  1 
ATOM   10 N N    . ASN A 1 2 ? -5.347 -1.568 2.538  1.00 4.10 ? 287 ASN A N    1 
ATOM   11 C CA   . ASN A 1 2 ? -4.607 -1.737 1.286  1.00 4.40 ? 287 ASN A CA   1 
ATOM   12 C C    . ASN A 1 2 ? -3.439 -0.742 1.306  1.00 4.15 ? 287 ASN A C    1 
ATOM   13 O O    . ASN A 1 2 ? -3.652 0.449  1.517  1.00 4.84 ? 287 ASN A O    1 
ATOM   14 C CB   . ASN A 1 2 ? -5.470 -1.441 0.072  1.00 4.87 ? 287 ASN A CB   1 
ATOM   15 C CG   . ASN A 1 2 ? -4.610 -1.548 -1.173 1.00 4.98 ? 287 ASN A CG   1 
ATOM   16 O OD1  . ASN A 1 2 ? -4.253 -2.656 -1.623 1.00 5.27 ? 287 ASN A OD1  1 
ATOM   17 N ND2  . ASN A 1 2 ? -4.160 -0.405 -1.664 1.00 6.00 ? 287 ASN A ND2  1 
ATOM   18 H H    . ASN A 1 2 ? -5.810 -0.687 2.711  1.00 4.05 ? 287 ASN A H    1 
ATOM   19 H HA   . ASN A 1 2 ? -4.266 -2.657 1.220  1.00 4.56 ? 287 ASN A HA   1 
ATOM   20 H HB2  . ASN A 1 2 ? -6.205 -2.086 0.025  1.00 4.84 ? 287 ASN A HB2  1 
ATOM   21 H HB3  . ASN A 1 2 ? -5.843 -0.539 0.144  1.00 4.69 ? 287 ASN A HB3  1 
ATOM   22 H HD21 . ASN A 1 2 ? -4.254 -0.229 -2.527 1.00 5.64 ? 287 ASN A HD21 1 
ATOM   23 H HD22 . ASN A 1 2 ? -3.771 0.186  -1.132 1.00 5.92 ? 287 ASN A HD22 1 
ATOM   24 N N    . TYR A 1 3 ? -2.235 -1.276 1.075  1.00 4.40 ? 288 TYR A N    1 
ATOM   25 C CA   . TYR A 1 3 ? -1.008 -0.486 1.059  1.00 4.07 ? 288 TYR A CA   1 
ATOM   26 C C    . TYR A 1 3 ? -0.247 -0.801 -0.231 1.00 4.24 ? 288 TYR A C    1 
ATOM   27 O O    . TYR A 1 3 ? 0.185  -1.948 -0.428 1.00 5.37 ? 288 TYR A O    1 
ATOM   28 C CB   . TYR A 1 3 ? -0.125 -0.894 2.241  1.00 4.34 ? 288 TYR A CB   1 
ATOM   29 C CG   . TYR A 1 3 ? -0.783 -0.605 3.585  1.00 4.64 ? 288 TYR A CG   1 
ATOM   30 C CD1  . TYR A 1 3 ? -1.701 -1.510 4.136  1.00 5.19 ? 288 TYR A CD1  1 
ATOM   31 C CD2  . TYR A 1 3 ? -0.470 0.504  4.343  1.00 4.35 ? 288 TYR A CD2  1 
ATOM   32 C CE1  . TYR A 1 3 ? -2.295 -1.277 5.364  1.00 5.43 ? 288 TYR A CE1  1 
ATOM   33 C CE2  . TYR A 1 3 ? -1.075 0.767  5.554  1.00 4.92 ? 288 TYR A CE2  1 
ATOM   34 C CZ   . TYR A 1 3 ? -2.029 -0.132 6.056  1.00 5.34 ? 288 TYR A CZ   1 
ATOM   35 O OH   . TYR A 1 3 ? -2.648 0.114  7.275  1.00 6.72 ? 288 TYR A OH   1 
ATOM   36 H H    . TYR A 1 3 ? -2.166 -2.268 0.903  1.00 4.19 ? 288 TYR A H    1 
ATOM   37 H HA   . TYR A 1 3 ? -1.217 0.480  1.107  1.00 4.07 ? 288 TYR A HA   1 
ATOM   38 H HB2  . TYR A 1 3 ? 0.067  -1.853 2.176  1.00 4.38 ? 288 TYR A HB2  1 
ATOM   39 H HB3  . TYR A 1 3 ? 0.723  -0.408 2.186  1.00 4.19 ? 288 TYR A HB3  1 
ATOM   40 H HD1  . TYR A 1 3 ? -1.927 -2.290 3.655  1.00 5.18 ? 288 TYR A HD1  1 
ATOM   41 H HD2  . TYR A 1 3 ? 0.140  1.134  3.996  1.00 4.36 ? 288 TYR A HD2  1 
ATOM   42 H HE1  . TYR A 1 3 ? -2.943 -1.880 5.692  1.00 5.10 ? 288 TYR A HE1  1 
ATOM   43 H HE2  . TYR A 1 3 ? -0.868 1.554  6.030  1.00 4.85 ? 288 TYR A HE2  1 
ATOM   44 H HH   . TYR A 1 3 ? -2.109 -0.062 7.919  1.00 6.23 ? 288 TYR A HH   1 
ATOM   45 N N    . ASN A 1 4 ? -0.119 0.215  -1.093 1.00 3.85 ? 289 ASN A N    1 
ATOM   46 C CA   . ASN A 1 4 ? 0.732  0.149  -2.289 1.00 3.99 ? 289 ASN A CA   1 
ATOM   47 C C    . ASN A 1 4 ? 1.835  1.190  -2.047 1.00 3.96 ? 289 ASN A C    1 
ATOM   48 O O    . ASN A 1 4 ? 1.548  2.399  -2.036 1.00 4.46 ? 289 ASN A O    1 
ATOM   49 C CB   . ASN A 1 4 ? -0.060 0.512  -3.533 1.00 4.45 ? 289 ASN A CB   1 
ATOM   50 C CG   . ASN A 1 4 ? -1.163 -0.494 -3.888 1.00 4.22 ? 289 ASN A CG   1 
ATOM   51 O OD1  . ASN A 1 4 ? -0.949 -1.699 -3.801 1.00 5.02 ? 289 ASN A OD1  1 
ATOM   52 N ND2  . ASN A 1 4 ? -2.313 0.051  -4.326 1.00 4.50 ? 289 ASN A ND2  1 
ATOM   53 H H    . ASN A 1 4 ? -0.632 1.067  -0.918 1.00 3.84 ? 289 ASN A H    1 
ATOM   54 H HA   . ASN A 1 4 ? 1.117  -0.749 -2.390 1.00 4.04 ? 289 ASN A HA   1 
ATOM   55 H HB2  . ASN A 1 4 ? -0.465 1.392  -3.399 1.00 4.50 ? 289 ASN A HB2  1 
ATOM   56 H HB3  . ASN A 1 4 ? 0.559  0.581  -4.288 1.00 4.33 ? 289 ASN A HB3  1 
ATOM   57 H HD21 . ASN A 1 4 ? -2.745 -0.313 -5.006 1.00 4.41 ? 289 ASN A HD21 1 
ATOM   58 H HD22 . ASN A 1 4 ? -2.638 0.774  -3.933 1.00 4.40 ? 289 ASN A HD22 1 
ATOM   59 N N    . VAL A 1 5 ? 3.051  0.718  -1.778 1.00 4.31 ? 290 VAL A N    1 
ATOM   60 C CA   . VAL A 1 5 ? 4.102  1.574  -1.251 1.00 4.09 ? 290 VAL A CA   1 
ATOM   61 C C    . VAL A 1 5 ? 5.377  1.446  -2.099 1.00 4.23 ? 290 VAL A C    1 
ATOM   62 O O    . VAL A 1 5 ? 5.805  0.312  -2.367 1.00 4.99 ? 290 VAL A O    1 
ATOM   63 C CB   . VAL A 1 5 ? 4.384  1.241  0.208  1.00 4.47 ? 290 VAL A CB   1 
ATOM   64 C CG1  . VAL A 1 5 ? 5.456  2.122  0.811  1.00 5.39 ? 290 VAL A CG1  1 
ATOM   65 C CG2  . VAL A 1 5 ? 3.090  1.409  1.046  1.00 5.18 ? 290 VAL A CG2  1 
ATOM   66 H H    . VAL A 1 5 ? 3.256  -0.256 -1.945 1.00 4.06 ? 290 VAL A H    1 
ATOM   67 H HA   . VAL A 1 5 ? 3.797  2.496  -1.297 1.00 4.14 ? 290 VAL A HA   1 
ATOM   68 H HB   . VAL A 1 5 ? 4.678  0.299  0.262  1.00 4.64 ? 290 VAL A HB   1 
ATOM   69 H HG11 . VAL A 1 5 ? 6.334  1.799  0.540  1.00 5.14 ? 290 VAL A HG11 1 
ATOM   70 H HG12 . VAL A 1 5 ? 5.391  2.098  1.781  1.00 5.39 ? 290 VAL A HG12 1 
ATOM   71 H HG13 . VAL A 1 5 ? 5.338  3.037  0.501  1.00 5.14 ? 290 VAL A HG13 1 
ATOM   72 H HG21 . VAL A 1 5 ? 2.707  2.289  0.881  1.00 5.14 ? 290 VAL A HG21 1 
ATOM   73 H HG22 . VAL A 1 5 ? 3.299  1.322  1.993  1.00 5.05 ? 290 VAL A HG22 1 
ATOM   74 H HG23 . VAL A 1 5 ? 2.446  0.724  0.795  1.00 5.09 ? 290 VAL A HG23 1 
ATOM   75 N N    . PHE A 1 6 ? 5.928  2.576  -2.504 1.00 4.35 ? 291 PHE A N    1 
ATOM   76 C CA   . PHE A 1 6 ? 6.984  2.627  -3.504 1.00 4.60 ? 291 PHE A CA   1 
ATOM   77 C C    . PHE A 1 6 ? 8.218  3.366  -2.965 1.00 4.78 ? 291 PHE A C    1 
ATOM   78 O O    . PHE A 1 6 ? 9.121  3.637  -3.843 1.00 5.75 ? 291 PHE A O    1 
ATOM   79 C CB   . PHE A 1 6 ? 6.434  3.266  -4.760 1.00 4.91 ? 291 PHE A CB   1 
ATOM   80 C CG   . PHE A 1 6 ? 5.241  2.537  -5.328 1.00 4.68 ? 291 PHE A CG   1 
ATOM   81 C CD1  . PHE A 1 6 ? 5.385  1.548  -6.255 1.00 4.45 ? 291 PHE A CD1  1 
ATOM   82 C CD2  . PHE A 1 6 ? 3.960  2.813  -4.867 1.00 4.82 ? 291 PHE A CD2  1 
ATOM   83 C CE1  . PHE A 1 6 ? 4.303  0.860  -6.774 1.00 5.03 ? 291 PHE A CE1  1 
ATOM   84 C CE2  . PHE A 1 6 ? 2.871  2.160  -5.373 1.00 4.30 ? 291 PHE A CE2  1 
ATOM   85 C CZ   . PHE A 1 6 ? 3.023  1.162  -6.301 1.00 4.67 ? 291 PHE A CZ   1 
ATOM   86 O OXT  . PHE A 1 6 ? 8.298  3.629  -1.766 1.00 5.65 ? 291 PHE A OXT  1 
ATOM   87 H H    . PHE A 1 6 ? 5.609  3.446  -2.101 1.00 4.19 ? 291 PHE A H    1 
ATOM   88 H HA   . PHE A 1 6 ? 7.255  1.700  -3.723 1.00 4.65 ? 291 PHE A HA   1 
ATOM   89 H HB2  . PHE A 1 6 ? 6.177  4.189  -4.555 1.00 4.91 ? 291 PHE A HB2  1 
ATOM   90 H HB3  . PHE A 1 6 ? 7.143  3.293  -5.436 1.00 4.89 ? 291 PHE A HB3  1 
ATOM   91 H HD1  . PHE A 1 6 ? 6.252  1.339  -6.566 1.00 4.51 ? 291 PHE A HD1  1 
ATOM   92 H HD2  . PHE A 1 6 ? 3.836  3.491  -4.224 1.00 4.56 ? 291 PHE A HD2  1 
ATOM   93 H HE1  . PHE A 1 6 ? 4.430  0.185  -7.422 1.00 4.86 ? 291 PHE A HE1  1 
ATOM   94 H HE2  . PHE A 1 6 ? 2.010  2.369  -5.048 1.00 4.26 ? 291 PHE A HE2  1 
ATOM   95 H HZ   . PHE A 1 6 ? 2.268  0.712  -6.646 1.00 4.57 ? 291 PHE A HZ   1 
HETATM 96 O O    . HOH B 2 . ? 10.488 2.353  -0.877 1.00 5.78 ? 301 HOH A O    1 
HETATM 97 O O    . HOH B 2 . ? -1.625 2.165  8.803  1.00 9.96 ? 302 HOH A O    1 
HETATM 98 O O    . HOH B 2 . ? -3.918 -4.197 6.877  1.00 6.17 ? 303 HOH A O    1 
# 
loop_
_atom_site_anisotrop.id 
_atom_site_anisotrop.type_symbol 
_atom_site_anisotrop.pdbx_label_atom_id 
_atom_site_anisotrop.pdbx_label_alt_id 
_atom_site_anisotrop.pdbx_label_comp_id 
_atom_site_anisotrop.pdbx_label_asym_id 
_atom_site_anisotrop.pdbx_label_seq_id 
_atom_site_anisotrop.pdbx_PDB_ins_code 
_atom_site_anisotrop.U[1][1] 
_atom_site_anisotrop.U[2][2] 
_atom_site_anisotrop.U[3][3] 
_atom_site_anisotrop.U[1][2] 
_atom_site_anisotrop.U[1][3] 
_atom_site_anisotrop.U[2][3] 
_atom_site_anisotrop.pdbx_auth_seq_id 
_atom_site_anisotrop.pdbx_auth_comp_id 
_atom_site_anisotrop.pdbx_auth_asym_id 
_atom_site_anisotrop.pdbx_auth_atom_id 
1  N N    . GLY A 1 ? 0.0696 0.0682 0.0640 0.0021  0.0019  0.0031  286 GLY A N    
2  C CA   . GLY A 1 ? 0.0608 0.0692 0.0492 -0.0012 -0.0012 0.0008  286 GLY A CA   
3  C C    . GLY A 1 ? 0.0473 0.0594 0.0589 0.0035  0.0021  0.0025  286 GLY A C    
4  O O    . GLY A 1 ? 0.0745 0.0664 0.0637 0.0107  0.0174  0.0029  286 GLY A O    
5  H H1   . GLY A 1 ? 0.0695 0.0687 0.0614 0.0010  0.0030  0.0026  286 GLY A H1   
6  H H2   . GLY A 1 ? 0.0671 0.0695 0.0599 0.0009  0.0011  0.0032  286 GLY A H2   
7  H H3   . GLY A 1 ? 0.0689 0.0687 0.0600 0.0009  0.0004  0.0026  286 GLY A H3   
8  H HA2  . GLY A 1 ? 0.0606 0.0664 0.0548 -0.0001 0.0006  0.0014  286 GLY A HA2  
9  H HA3  . GLY A 1 ? 0.0590 0.0653 0.0543 -0.0002 -0.0002 0.0009  286 GLY A HA3  
10 N N    . ASN A 2 ? 0.0549 0.0542 0.0466 0.0139  0.0017  -0.0016 287 ASN A N    
11 C CA   . ASN A 2 ? 0.0513 0.0625 0.0530 -0.0037 0.0057  -0.0059 287 ASN A CA   
12 C C    . ASN A 2 ? 0.0557 0.0508 0.0513 -0.0019 0.0066  0.0067  287 ASN A C    
13 O O    . ASN A 2 ? 0.0613 0.0526 0.0696 -0.0006 0.0033  -0.0027 287 ASN A O    
14 C CB   . ASN A 2 ? 0.0562 0.0630 0.0658 0.0035  -0.0070 -0.0062 287 ASN A CB   
15 C CG   . ASN A 2 ? 0.0606 0.0710 0.0574 -0.0074 -0.0059 -0.0122 287 ASN A CG   
16 O OD1  . ASN A 2 ? 0.0637 0.0690 0.0675 -0.0007 0.0012  -0.0081 287 ASN A OD1  
17 N ND2  . ASN A 2 ? 0.0879 0.0748 0.0650 0.0092  -0.0101 0.0102  287 ASN A ND2  
18 H H    . ASN A 2 ? 0.0512 0.0520 0.0505 0.0103  0.0031  -0.0026 287 ASN A H    
19 H HA   . ASN A 2 ? 0.0553 0.0638 0.0541 -0.0001 0.0025  -0.0021 287 ASN A HA   
20 H HB2  . ASN A 2 ? 0.0577 0.0656 0.0604 0.0011  -0.0033 -0.0073 287 ASN A HB2  
21 H HB3  . ASN A 2 ? 0.0560 0.0617 0.0604 0.0011  -0.0034 -0.0074 287 ASN A HB3  
22 H HD21 . ASN A 2 ? 0.0779 0.0737 0.0625 0.0045  -0.0075 0.0028  287 ASN A HD21 
23 H HD22 . ASN A 2 ? 0.0795 0.0786 0.0668 0.0064  -0.0057 0.0074  287 ASN A HD22 
24 N N    . TYR A 3 ? 0.0605 0.0464 0.0599 0.0054  -0.0035 -0.0076 288 TYR A N    
25 C CA   . TYR A 3 ? 0.0558 0.0430 0.0558 0.0065  0.0024  -0.0061 288 TYR A CA   
26 C C    . TYR A 3 ? 0.0488 0.0461 0.0662 0.0029  0.0037  -0.0006 288 TYR A C    
27 O O    . TYR A 3 ? 0.0739 0.0506 0.0796 0.0087  0.0217  -0.0046 288 TYR A O    
28 C CB   . TYR A 3 ? 0.0453 0.0602 0.0595 -0.0020 -0.0040 -0.0128 288 TYR A CB   
29 C CG   . TYR A 3 ? 0.0536 0.0761 0.0464 0.0039  -0.0064 -0.0019 288 TYR A CG   
30 C CD1  . TYR A 3 ? 0.0623 0.0729 0.0619 0.0089  -0.0114 0.0059  288 TYR A CD1  
31 C CD2  . TYR A 3 ? 0.0454 0.0737 0.0460 -0.0031 0.0093  0.0005  288 TYR A CD2  
32 C CE1  . TYR A 3 ? 0.0475 0.0840 0.0746 -0.0160 0.0002  -0.0031 288 TYR A CE1  
33 C CE2  . TYR A 3 ? 0.0681 0.0730 0.0458 0.0023  0.0063  -0.0015 288 TYR A CE2  
34 C CZ   . TYR A 3 ? 0.0487 0.0836 0.0706 -0.0084 0.0074  -0.0081 288 TYR A CZ   
35 O OH   . TYR A 3 ? 0.0754 0.1198 0.0599 0.0090  0.0106  0.0154  288 TYR A OH   
36 H H    . TYR A 3 ? 0.0575 0.0452 0.0565 0.0035  0.0008  -0.0041 288 TYR A H    
37 H HA   . TYR A 3 ? 0.0530 0.0425 0.0589 0.0050  0.0008  -0.0063 288 TYR A HA   
38 H HB2  . TYR A 3 ? 0.0494 0.0606 0.0563 0.0009  -0.0024 -0.0082 288 TYR A HB2  
39 H HB3  . TYR A 3 ? 0.0454 0.0576 0.0560 -0.0008 -0.0024 -0.0083 288 TYR A HB3  
40 H HD1  . TYR A 3 ? 0.0566 0.0789 0.0613 0.0022  -0.0060 0.0030  288 TYR A HD1  
41 H HD2  . TYR A 3 ? 0.0485 0.0708 0.0461 -0.0039 0.0067  0.0014  288 TYR A HD2  
42 H HE1  . TYR A 3 ? 0.0484 0.0773 0.0678 -0.0106 0.0010  -0.0002 288 TYR A HE1  
43 H HE2  . TYR A 3 ? 0.0580 0.0749 0.0513 -0.0013 0.0061  -0.0026 288 TYR A HE2  
44 H HH   . TYR A 3 ? 0.0658 0.1073 0.0633 0.0028  0.0087  0.0070  288 TYR A HH   
45 N N    . ASN A 4 ? 0.0493 0.0418 0.0549 0.0096  0.0034  -0.0032 289 ASN A N    
46 C CA   . ASN A 4 ? 0.0487 0.0525 0.0504 0.0044  -0.0017 -0.0059 289 ASN A CA   
47 C C    . ASN A 4 ? 0.0477 0.0533 0.0491 0.0021  0.0008  0.0041  289 ASN A C    
48 O O    . ASN A 4 ? 0.0547 0.0505 0.0641 -0.0018 -0.0020 0.0007  289 ASN A O    
49 C CB   . ASN A 4 ? 0.0437 0.0652 0.0600 -0.0026 -0.0012 0.0079  289 ASN A CB   
50 C CG   . ASN A 4 ? 0.0578 0.0515 0.0509 0.0004  0.0002  -0.0035 289 ASN A CG   
51 O OD1  . ASN A 4 ? 0.0627 0.0580 0.0699 0.0010  -0.0036 -0.0029 289 ASN A OD1  
52 N ND2  . ASN A 4 ? 0.0577 0.0620 0.0511 0.0063  0.0014  -0.0097 289 ASN A ND2  
53 H H    . ASN A 4 ? 0.0481 0.0416 0.0562 0.0090  0.0027  -0.0041 289 ASN A H    
54 H HA   . ASN A 4 ? 0.0483 0.0515 0.0537 0.0042  0.0001  -0.0014 289 ASN A HA   
55 H HB2  . ASN A 4 ? 0.0501 0.0651 0.0555 -0.0029 -0.0014 0.0022  289 ASN A HB2  
56 H HB3  . ASN A 4 ? 0.0487 0.0599 0.0555 -0.0007 -0.0012 0.0018  289 ASN A HB3  
57 H HD21 . ASN A 4 ? 0.0577 0.0585 0.0514 0.0046  0.0012  -0.0075 289 ASN A HD21 
58 H HD22 . ASN A 4 ? 0.0576 0.0581 0.0513 0.0045  0.0010  -0.0074 289 ASN A HD22 
59 N N    . VAL A 5 ? 0.0545 0.0453 0.0638 0.0053  -0.0113 -0.0064 290 VAL A N    
60 C CA   . VAL A 5 ? 0.0492 0.0511 0.0549 0.0072  -0.0023 -0.0138 290 VAL A CA   
61 C C    . VAL A 5 ? 0.0487 0.0615 0.0504 0.0043  -0.0083 -0.0051 290 VAL A C    
62 O O    . VAL A 5 ? 0.0623 0.0573 0.0696 0.0035  0.0062  -0.0044 290 VAL A O    
63 C CB   . VAL A 5 ? 0.0577 0.0601 0.0520 0.0004  -0.0077 -0.0105 290 VAL A CB   
64 C CG1  . VAL A 5 ? 0.0538 0.0655 0.0855 -0.0028 -0.0084 -0.0045 290 VAL A CG1  
65 C CG2  . VAL A 5 ? 0.0683 0.0758 0.0527 -0.0037 0.0075  -0.0068 290 VAL A CG2  
66 H H    . VAL A 5 ? 0.0507 0.0459 0.0575 0.0053  -0.0056 -0.0058 290 VAL A H    
67 H HA   . VAL A 5 ? 0.0517 0.0506 0.0549 0.0059  -0.0056 -0.0095 290 VAL A HA   
68 H HB   . VAL A 5 ? 0.0570 0.0605 0.0586 0.0011  -0.0040 -0.0095 290 VAL A HB   
69 H HG11 . VAL A 5 ? 0.0558 0.0639 0.0754 -0.0019 -0.0087 -0.0068 290 VAL A HG11 
70 H HG12 . VAL A 5 ? 0.0555 0.0641 0.0850 -0.0017 -0.0088 -0.0072 290 VAL A HG12 
71 H HG13 . VAL A 5 ? 0.0550 0.0649 0.0753 -0.0016 -0.0085 -0.0075 290 VAL A HG13 
72 H HG21 . VAL A 5 ? 0.0660 0.0758 0.0533 -0.0039 0.0028  -0.0087 290 VAL A HG21 
73 H HG22 . VAL A 5 ? 0.0650 0.0716 0.0551 -0.0021 0.0023  -0.0080 290 VAL A HG22 
74 H HG23 . VAL A 5 ? 0.0666 0.0731 0.0535 0.0001  0.0030  -0.0070 290 VAL A HG23 
75 N N    . PHE A 6 ? 0.0678 0.0517 0.0455 0.0030  0.0054  -0.0126 291 PHE A N    
76 C CA   . PHE A 6 ? 0.0475 0.0681 0.0590 0.0081  0.0043  -0.0054 291 PHE A CA   
77 C C    . PHE A 6 ? 0.0631 0.0603 0.0580 0.0003  0.0018  0.0008  291 PHE A C    
78 O O    . PHE A 6 ? 0.0621 0.0901 0.0659 -0.0091 -0.0008 0.0038  291 PHE A O    
79 C CB   . PHE A 6 ? 0.0586 0.0667 0.0610 -0.0093 0.0045  0.0045  291 PHE A CB   
80 C CG   . PHE A 6 ? 0.0634 0.0597 0.0546 -0.0139 0.0101  -0.0017 291 PHE A CG   
81 C CD1  . PHE A 6 ? 0.0561 0.0563 0.0565 0.0072  -0.0033 -0.0016 291 PHE A CD1  
82 C CD2  . PHE A 6 ? 0.0703 0.0544 0.0583 -0.0042 0.0026  -0.0023 291 PHE A CD2  
83 C CE1  . PHE A 6 ? 0.0696 0.0687 0.0527 -0.0054 0.0029  0.0035  291 PHE A CE1  
84 C CE2  . PHE A 6 ? 0.0484 0.0665 0.0481 -0.0018 0.0058  0.0086  291 PHE A CE2  
85 C CZ   . PHE A 6 ? 0.0615 0.0660 0.0497 -0.0029 -0.0086 0.0041  291 PHE A CZ   
86 O OXT  . PHE A 6 ? 0.0670 0.0793 0.0681 -0.0016 -0.0026 -0.0075 291 PHE A OXT  
87 H H    . PHE A 6 ? 0.0576 0.0527 0.0490 0.0063  0.0021  -0.0114 291 PHE A H    
88 H HA   . PHE A 6 ? 0.0566 0.0634 0.0565 0.0024  0.0037  -0.0038 291 PHE A HA   
89 H HB2  . PHE A 6 ? 0.0576 0.0694 0.0595 -0.0073 0.0053  0.0015  291 PHE A HB2  
90 H HB3  . PHE A 6 ? 0.0584 0.0667 0.0604 -0.0064 0.0044  0.0008  291 PHE A HB3  
91 H HD1  . PHE A 6 ? 0.0567 0.0598 0.0546 0.0001  0.0024  -0.0004 291 PHE A HD1  
92 H HD2  . PHE A 6 ? 0.0627 0.0572 0.0531 -0.0051 0.0050  -0.0009 291 PHE A HD2  
93 H HE1  . PHE A 6 ? 0.0638 0.0662 0.0544 -0.0021 -0.0013 0.0037  291 PHE A HE1  
94 H HE2  . PHE A 6 ? 0.0488 0.0631 0.0498 -0.0012 0.0047  0.0043  291 PHE A HE2  
95 H HZ   . PHE A 6 ? 0.0581 0.0655 0.0500 -0.0043 -0.0029 0.0041  291 PHE A HZ   
96 O O    . HOH B . ? 0.0634 0.0883 0.0677 -0.0020 -0.0035 -0.0006 301 HOH A O    
97 O O    . HOH B . ? 0.1010 0.1772 0.1002 -0.0070 0.0039  -0.0332 302 HOH A O    
98 O O    . HOH B . ? 0.0724 0.0801 0.0820 0.0038  -0.0035 0.0041  303 HOH A O    
# 
